data_6PS1
#
_entry.id   6PS1
#
_cell.length_a   41.730
_cell.length_b   76.330
_cell.length_c   172.000
_cell.angle_alpha   90.000
_cell.angle_beta   90.000
_cell.angle_gamma   90.000
#
_symmetry.space_group_name_H-M   'P 21 21 21'
#
loop_
_entity.id
_entity.type
_entity.pdbx_description
1 polymer 'Fusion protein of Beta-2 adrenergic receptor and T4 lysozyme'
2 non-polymer (2S)-1-(tert-butylamino)-3-[(4-morpholin-4-yl-1,2,5-thiadiazol-3-yl)oxy]propan-2-ol
3 non-polymer 'SULFATE ION'
4 non-polymer CHOLESTEROL
5 non-polymer '(2R)-2,3-dihydroxypropyl (9Z)-octadec-9-enoate'
6 non-polymer 'OLEIC ACID'
#
_entity_poly.entity_id   1
_entity_poly.type   'polypeptide(L)'
_entity_poly.pdbx_seq_one_letter_code
;MKTIIALSYIFCLVFADYKDDDDAMGQPGNGSAFLLAPNRSHAPDHDVTQQRDEVWVVGMGIVMSLIVLAIVFGNVLVIT
AIAKFERLQTVTNYFITSLACADLVMGLAVVPFGAAHILMKMWTFGNFWCEFWTSIDVLCVTASIWTLCVIAVDRYFAIT
SPFKYQSLLTKNKARVIILMVWIVSGLTSFLPIQMHWYRATHQEAINCYAEETCCDFFTNQAYAIASSIVSFYVPLVIMV
FVYSRVFQEAKRQLNIFEMLRIDEGLRLKIYKDTEGYYTIGIGHLLTKSPSLNAAKSELDKAIGRNTNGVITKDEAEKLF
NQDVDAAVRGILRNAKLKPVYDSLDAVRRAALINMVFQMGETGVAGFTNSLRMLQQKRWDEAAVNLAKSRWYNQTPNRAK
RVITTFRTGTWDAYKFCLKEHKALKTLGIIMGTFTLCWLPFFIVNIVHVIQDNLIRKEVYILLNWIGYVNSGFNPLIYCR
SPDFRIAFQELLCLRRSSLKHHHHHH
;
_entity_poly.pdbx_strand_id   A
#
loop_
_chem_comp.id
_chem_comp.type
_chem_comp.name
_chem_comp.formula
CLR non-polymer CHOLESTEROL 'C27 H46 O'
OLA non-polymer 'OLEIC ACID' 'C18 H34 O2'
OLC non-polymer '(2R)-2,3-dihydroxypropyl (9Z)-octadec-9-enoate' 'C21 H40 O4'
SO4 non-polymer 'SULFATE ION' 'O4 S -2'
TIM non-polymer (2S)-1-(tert-butylamino)-3-[(4-morpholin-4-yl-1,2,5-thiadiazol-3-yl)oxy]propan-2-ol 'C13 H24 N4 O3 S'
#
# COMPACT_ATOMS: atom_id res chain seq x y z
N ASP A 53 0.27 -40.04 -14.35
CA ASP A 53 1.67 -40.33 -14.63
C ASP A 53 2.53 -40.13 -13.37
N GLU A 54 3.57 -40.98 -13.21
CA GLU A 54 4.55 -41.01 -12.11
C GLU A 54 5.29 -39.66 -11.99
N VAL A 55 5.88 -39.18 -13.11
CA VAL A 55 6.65 -37.93 -13.21
C VAL A 55 5.73 -36.72 -12.86
N TRP A 56 4.44 -36.77 -13.25
CA TRP A 56 3.48 -35.71 -12.96
C TRP A 56 3.21 -35.59 -11.44
N VAL A 57 3.02 -36.74 -10.74
CA VAL A 57 2.75 -36.79 -9.29
C VAL A 57 3.95 -36.23 -8.51
N VAL A 58 5.17 -36.73 -8.80
CA VAL A 58 6.41 -36.29 -8.17
C VAL A 58 6.63 -34.79 -8.48
N GLY A 59 6.36 -34.41 -9.74
CA GLY A 59 6.47 -33.03 -10.23
C GLY A 59 5.56 -32.07 -9.51
N MET A 60 4.29 -32.47 -9.30
CA MET A 60 3.28 -31.68 -8.58
C MET A 60 3.58 -31.62 -7.10
N GLY A 61 4.03 -32.75 -6.54
CA GLY A 61 4.38 -32.91 -5.13
C GLY A 61 5.42 -31.93 -4.64
N ILE A 62 6.46 -31.68 -5.46
CA ILE A 62 7.55 -30.75 -5.17
C ILE A 62 7.02 -29.31 -5.24
N VAL A 63 6.27 -28.97 -6.32
CA VAL A 63 5.67 -27.65 -6.56
C VAL A 63 4.77 -27.27 -5.37
N MET A 64 3.88 -28.19 -4.94
CA MET A 64 2.95 -27.98 -3.83
C MET A 64 3.66 -27.89 -2.47
N SER A 65 4.79 -28.60 -2.30
CA SER A 65 5.58 -28.57 -1.05
C SER A 65 6.27 -27.21 -0.89
N LEU A 66 6.87 -26.70 -1.99
CA LEU A 66 7.55 -25.40 -2.03
C LEU A 66 6.55 -24.26 -1.87
N ILE A 67 5.27 -24.49 -2.28
CA ILE A 67 4.18 -23.54 -2.10
C ILE A 67 3.89 -23.47 -0.60
N VAL A 68 3.61 -24.64 0.05
CA VAL A 68 3.33 -24.80 1.48
C VAL A 68 4.47 -24.19 2.34
N LEU A 69 5.75 -24.51 2.01
CA LEU A 69 6.93 -23.97 2.71
C LEU A 69 7.00 -22.44 2.62
N ALA A 70 6.66 -21.88 1.44
CA ALA A 70 6.65 -20.44 1.18
C ALA A 70 5.52 -19.72 1.93
N ILE A 71 4.38 -20.42 2.15
CA ILE A 71 3.23 -19.86 2.85
C ILE A 71 3.58 -19.66 4.32
N VAL A 72 3.97 -20.76 5.01
CA VAL A 72 4.25 -20.82 6.44
C VAL A 72 5.43 -19.94 6.82
N PHE A 73 6.62 -20.15 6.21
CA PHE A 73 7.82 -19.37 6.57
C PHE A 73 7.64 -17.89 6.33
N GLY A 74 6.94 -17.54 5.25
CA GLY A 74 6.65 -16.17 4.89
C GLY A 74 5.85 -15.42 5.94
N ASN A 75 4.68 -15.97 6.31
CA ASN A 75 3.77 -15.38 7.29
C ASN A 75 4.33 -15.40 8.70
N VAL A 76 5.06 -16.49 9.09
CA VAL A 76 5.69 -16.61 10.40
C VAL A 76 6.66 -15.42 10.57
N LEU A 77 7.51 -15.19 9.56
CA LEU A 77 8.49 -14.11 9.53
C LEU A 77 7.82 -12.73 9.71
N VAL A 78 6.65 -12.52 9.07
CA VAL A 78 5.88 -11.27 9.14
C VAL A 78 5.34 -11.09 10.57
N ILE A 79 4.62 -12.11 11.09
CA ILE A 79 4.04 -12.12 12.44
C ILE A 79 5.16 -11.87 13.49
N THR A 80 6.32 -12.55 13.35
CA THR A 80 7.49 -12.43 14.23
C THR A 80 8.03 -10.98 14.23
N ALA A 81 8.10 -10.35 13.04
CA ALA A 81 8.59 -8.99 12.84
C ALA A 81 7.71 -7.94 13.53
N ILE A 82 6.38 -8.14 13.49
CA ILE A 82 5.43 -7.22 14.14
C ILE A 82 5.48 -7.45 15.67
N ALA A 83 5.57 -8.72 16.10
CA ALA A 83 5.63 -9.11 17.51
C ALA A 83 6.91 -8.60 18.21
N LYS A 84 8.06 -8.60 17.52
CA LYS A 84 9.34 -8.20 18.09
C LYS A 84 9.64 -6.70 17.99
N PHE A 85 9.64 -6.13 16.77
CA PHE A 85 9.99 -4.73 16.53
C PHE A 85 8.83 -3.77 16.83
N GLU A 86 9.09 -2.80 17.75
CA GLU A 86 8.14 -1.79 18.25
C GLU A 86 7.71 -0.82 17.17
N ARG A 87 8.65 -0.43 16.29
CA ARG A 87 8.43 0.50 15.17
C ARG A 87 7.36 -0.01 14.18
N LEU A 88 7.04 -1.31 14.25
CA LEU A 88 6.07 -1.97 13.41
C LEU A 88 4.78 -2.34 14.16
N GLN A 89 4.57 -1.77 15.37
CA GLN A 89 3.37 -2.07 16.16
C GLN A 89 2.35 -0.94 15.97
N THR A 90 1.86 -0.84 14.72
CA THR A 90 0.89 0.16 14.29
C THR A 90 -0.48 -0.50 14.10
N VAL A 91 -1.54 0.34 14.07
CA VAL A 91 -2.95 -0.04 13.87
C VAL A 91 -3.08 -0.81 12.55
N THR A 92 -2.46 -0.30 11.47
CA THR A 92 -2.46 -0.88 10.14
C THR A 92 -1.65 -2.19 10.13
N ASN A 93 -0.57 -2.27 10.93
CA ASN A 93 0.23 -3.50 11.01
C ASN A 93 -0.49 -4.58 11.84
N TYR A 94 -1.41 -4.17 12.75
CA TYR A 94 -2.22 -5.09 13.54
C TYR A 94 -3.24 -5.79 12.65
N PHE A 95 -3.72 -5.09 11.60
CA PHE A 95 -4.65 -5.64 10.61
C PHE A 95 -3.90 -6.60 9.70
N ILE A 96 -2.62 -6.26 9.36
CA ILE A 96 -1.71 -7.07 8.56
C ILE A 96 -1.40 -8.36 9.33
N THR A 97 -1.30 -8.29 10.69
CA THR A 97 -1.06 -9.45 11.56
C THR A 97 -2.23 -10.43 11.42
N SER A 98 -3.48 -9.90 11.40
CA SER A 98 -4.70 -10.68 11.22
C SER A 98 -4.71 -11.32 9.82
N LEU A 99 -4.26 -10.56 8.80
CA LEU A 99 -4.16 -11.01 7.40
C LEU A 99 -3.13 -12.14 7.28
N ALA A 100 -1.93 -11.95 7.87
CA ALA A 100 -0.83 -12.92 7.90
C ALA A 100 -1.22 -14.18 8.68
N CYS A 101 -2.07 -14.05 9.72
CA CYS A 101 -2.56 -15.16 10.53
C CYS A 101 -3.44 -16.05 9.68
N ALA A 102 -4.44 -15.44 8.98
CA ALA A 102 -5.36 -16.13 8.08
C ALA A 102 -4.59 -16.83 6.96
N ASP A 103 -3.55 -16.16 6.43
CA ASP A 103 -2.67 -16.70 5.39
C ASP A 103 -1.83 -17.87 5.94
N LEU A 104 -1.48 -17.85 7.24
CA LEU A 104 -0.69 -18.90 7.91
C LEU A 104 -1.57 -20.13 8.14
N VAL A 105 -2.84 -19.92 8.61
CA VAL A 105 -3.85 -20.96 8.88
C VAL A 105 -4.14 -21.70 7.55
N MET A 106 -4.09 -20.95 6.43
CA MET A 106 -4.26 -21.46 5.07
C MET A 106 -3.18 -22.51 4.74
N GLY A 107 -1.90 -22.10 4.76
CA GLY A 107 -0.77 -22.97 4.47
C GLY A 107 -0.44 -24.02 5.53
N LEU A 108 -1.11 -23.97 6.69
CA LEU A 108 -0.88 -24.92 7.78
C LEU A 108 -1.97 -25.99 7.87
N ALA A 109 -3.25 -25.60 7.69
CA ALA A 109 -4.38 -26.50 7.81
C ALA A 109 -5.15 -26.72 6.51
N VAL A 110 -5.23 -25.69 5.64
CA VAL A 110 -6.01 -25.79 4.41
C VAL A 110 -5.18 -26.42 3.28
N VAL A 111 -4.26 -25.64 2.68
CA VAL A 111 -3.39 -26.00 1.55
C VAL A 111 -2.74 -27.39 1.73
N PRO A 112 -2.17 -27.80 2.91
CA PRO A 112 -1.57 -29.14 3.01
C PRO A 112 -2.53 -30.30 2.70
N PHE A 113 -3.76 -30.26 3.26
CA PHE A 113 -4.76 -31.32 3.03
C PHE A 113 -5.38 -31.20 1.63
N GLY A 114 -5.30 -30.02 1.04
CA GLY A 114 -5.77 -29.76 -0.31
C GLY A 114 -4.92 -30.50 -1.32
N ALA A 115 -3.59 -30.50 -1.08
CA ALA A 115 -2.58 -31.18 -1.90
C ALA A 115 -2.77 -32.70 -1.87
N ALA A 116 -3.02 -33.28 -0.67
CA ALA A 116 -3.25 -34.70 -0.44
C ALA A 116 -4.51 -35.19 -1.17
N HIS A 117 -5.52 -34.30 -1.29
CA HIS A 117 -6.80 -34.58 -1.96
C HIS A 117 -6.61 -34.65 -3.49
N ILE A 118 -5.53 -34.01 -4.01
CA ILE A 118 -5.19 -33.96 -5.44
C ILE A 118 -4.22 -35.10 -5.81
N LEU A 119 -3.15 -35.29 -5.03
CA LEU A 119 -2.13 -36.31 -5.30
C LEU A 119 -2.64 -37.76 -5.07
N MET A 120 -3.67 -37.94 -4.22
CA MET A 120 -4.24 -39.26 -3.92
C MET A 120 -5.60 -39.46 -4.61
N LYS A 121 -6.20 -38.36 -5.12
CA LYS A 121 -7.49 -38.31 -5.83
C LYS A 121 -8.65 -38.82 -4.93
N MET A 122 -8.44 -38.82 -3.59
CA MET A 122 -9.44 -39.25 -2.61
C MET A 122 -9.15 -38.66 -1.21
N TRP A 123 -10.22 -38.51 -0.41
CA TRP A 123 -10.15 -37.97 0.95
C TRP A 123 -9.84 -39.10 1.93
N THR A 124 -8.76 -38.97 2.69
CA THR A 124 -8.34 -40.00 3.63
C THR A 124 -8.30 -39.45 5.06
N PHE A 125 -9.24 -38.55 5.40
CA PHE A 125 -9.25 -37.89 6.71
C PHE A 125 -10.61 -37.95 7.44
N GLY A 126 -11.63 -38.49 6.76
CA GLY A 126 -12.98 -38.63 7.32
C GLY A 126 -13.92 -37.49 6.99
N ASN A 127 -15.23 -37.74 7.13
CA ASN A 127 -16.25 -36.75 6.80
C ASN A 127 -16.35 -35.61 7.85
N PHE A 128 -15.87 -35.82 9.10
CA PHE A 128 -15.89 -34.77 10.12
C PHE A 128 -14.81 -33.74 9.82
N TRP A 129 -13.59 -34.21 9.45
CA TRP A 129 -12.49 -33.31 9.12
C TRP A 129 -12.73 -32.67 7.75
N CYS A 130 -13.40 -33.38 6.81
CA CYS A 130 -13.73 -32.86 5.48
C CYS A 130 -14.52 -31.55 5.62
N GLU A 131 -15.61 -31.57 6.42
CA GLU A 131 -16.48 -30.42 6.67
C GLU A 131 -15.75 -29.32 7.46
N PHE A 132 -14.91 -29.71 8.44
CA PHE A 132 -14.12 -28.77 9.25
C PHE A 132 -13.04 -28.07 8.40
N TRP A 133 -12.41 -28.81 7.48
CA TRP A 133 -11.36 -28.33 6.56
C TRP A 133 -11.96 -27.26 5.63
N THR A 134 -13.15 -27.55 5.05
CA THR A 134 -13.89 -26.65 4.17
C THR A 134 -14.32 -25.39 4.94
N SER A 135 -14.77 -25.56 6.22
CA SER A 135 -15.21 -24.47 7.10
C SER A 135 -14.07 -23.49 7.40
N ILE A 136 -12.85 -24.02 7.67
CA ILE A 136 -11.64 -23.22 7.91
C ILE A 136 -11.24 -22.48 6.62
N ASP A 137 -11.25 -23.21 5.48
CA ASP A 137 -10.90 -22.71 4.14
C ASP A 137 -11.66 -21.42 3.86
N VAL A 138 -13.01 -21.49 3.96
CA VAL A 138 -13.94 -20.40 3.73
C VAL A 138 -13.65 -19.26 4.72
N LEU A 139 -13.43 -19.58 6.01
CA LEU A 139 -13.14 -18.59 7.05
C LEU A 139 -11.86 -17.80 6.72
N CYS A 140 -10.78 -18.50 6.31
CA CYS A 140 -9.48 -17.92 5.95
C CYS A 140 -9.64 -16.84 4.91
N VAL A 141 -10.43 -17.13 3.86
CA VAL A 141 -10.71 -16.23 2.75
C VAL A 141 -11.62 -15.08 3.23
N THR A 142 -12.78 -15.41 3.85
CA THR A 142 -13.77 -14.44 4.36
C THR A 142 -13.11 -13.42 5.31
N ALA A 143 -12.26 -13.90 6.26
CA ALA A 143 -11.56 -13.04 7.22
C ALA A 143 -10.55 -12.12 6.51
N SER A 144 -9.88 -12.64 5.45
CA SER A 144 -8.87 -11.89 4.71
C SER A 144 -9.47 -10.73 3.94
N ILE A 145 -10.55 -10.95 3.19
CA ILE A 145 -11.21 -9.91 2.38
C ILE A 145 -11.87 -8.84 3.27
N TRP A 146 -12.40 -9.24 4.45
CA TRP A 146 -12.99 -8.28 5.37
C TRP A 146 -11.89 -7.45 6.02
N THR A 147 -10.72 -8.07 6.32
CA THR A 147 -9.54 -7.41 6.88
C THR A 147 -9.13 -6.29 5.91
N LEU A 148 -9.00 -6.65 4.61
CA LEU A 148 -8.63 -5.74 3.52
C LEU A 148 -9.65 -4.62 3.36
N CYS A 149 -10.94 -4.89 3.64
CA CYS A 149 -12.00 -3.88 3.56
C CYS A 149 -11.87 -2.91 4.73
N VAL A 150 -11.52 -3.43 5.93
CA VAL A 150 -11.31 -2.65 7.17
C VAL A 150 -10.12 -1.73 6.96
N ILE A 151 -8.99 -2.27 6.43
CA ILE A 151 -7.76 -1.53 6.14
C ILE A 151 -8.10 -0.36 5.20
N ALA A 152 -8.89 -0.63 4.15
CA ALA A 152 -9.32 0.36 3.18
C ALA A 152 -10.12 1.51 3.85
N VAL A 153 -11.13 1.15 4.68
CA VAL A 153 -12.01 2.10 5.38
C VAL A 153 -11.19 2.94 6.39
N ASP A 154 -10.30 2.28 7.18
CA ASP A 154 -9.42 2.93 8.16
C ASP A 154 -8.47 3.91 7.46
N ARG A 155 -8.10 3.64 6.19
CA ARG A 155 -7.23 4.52 5.42
C ARG A 155 -7.98 5.75 4.92
N TYR A 156 -9.31 5.64 4.67
CA TYR A 156 -10.14 6.76 4.22
C TYR A 156 -10.33 7.75 5.37
N PHE A 157 -10.69 7.23 6.55
CA PHE A 157 -10.91 8.02 7.75
C PHE A 157 -9.63 8.73 8.21
N ALA A 158 -8.44 8.13 7.97
CA ALA A 158 -7.14 8.70 8.32
C ALA A 158 -6.77 9.85 7.38
N ILE A 159 -6.97 9.66 6.06
CA ILE A 159 -6.63 10.66 5.03
C ILE A 159 -7.62 11.86 5.08
N THR A 160 -8.89 11.64 5.46
CA THR A 160 -9.90 12.71 5.57
C THR A 160 -9.74 13.51 6.87
N SER A 161 -9.10 12.91 7.88
CA SER A 161 -8.80 13.52 9.18
C SER A 161 -7.59 14.47 9.06
N PRO A 162 -7.38 15.43 10.01
CA PRO A 162 -6.23 16.34 9.90
C PRO A 162 -4.88 15.66 10.20
N PHE A 163 -4.95 14.42 10.70
CA PHE A 163 -3.81 13.57 11.04
C PHE A 163 -3.15 13.03 9.75
N LYS A 164 -3.93 13.00 8.64
CA LYS A 164 -3.58 12.62 7.26
C LYS A 164 -3.04 11.19 7.05
N TYR A 165 -2.11 10.71 7.89
CA TYR A 165 -1.54 9.38 7.68
C TYR A 165 -1.62 8.49 8.92
N GLN A 166 -2.04 9.06 10.07
CA GLN A 166 -2.20 8.32 11.32
C GLN A 166 -3.66 7.91 11.50
N SER A 167 -3.87 6.67 11.99
CA SER A 167 -5.19 6.07 12.22
C SER A 167 -5.96 6.75 13.36
N LEU A 168 -7.31 6.79 13.24
CA LEU A 168 -8.20 7.37 14.25
C LEU A 168 -8.50 6.34 15.35
N LEU A 169 -8.31 5.05 15.02
CA LEU A 169 -8.49 3.91 15.92
C LEU A 169 -7.25 3.73 16.79
N THR A 170 -7.45 3.32 18.06
CA THR A 170 -6.36 3.04 19.00
C THR A 170 -5.98 1.57 18.92
N LYS A 171 -4.92 1.16 19.64
CA LYS A 171 -4.44 -0.23 19.64
C LYS A 171 -5.44 -1.18 20.33
N ASN A 172 -6.23 -0.67 21.30
CA ASN A 172 -7.25 -1.47 21.98
C ASN A 172 -8.48 -1.63 21.07
N LYS A 173 -8.85 -0.57 20.32
CA LYS A 173 -9.97 -0.51 19.39
C LYS A 173 -9.76 -1.43 18.19
N ALA A 174 -8.51 -1.45 17.65
CA ALA A 174 -8.11 -2.27 16.50
C ALA A 174 -8.26 -3.75 16.80
N ARG A 175 -7.86 -4.18 18.04
CA ARG A 175 -7.95 -5.56 18.53
C ARG A 175 -9.41 -6.04 18.54
N VAL A 176 -10.34 -5.15 18.92
CA VAL A 176 -11.78 -5.41 18.97
C VAL A 176 -12.30 -5.65 17.56
N ILE A 177 -11.90 -4.82 16.59
CA ILE A 177 -12.31 -4.91 15.18
C ILE A 177 -11.87 -6.26 14.56
N ILE A 178 -10.60 -6.66 14.82
CA ILE A 178 -10.01 -7.92 14.34
C ILE A 178 -10.78 -9.10 14.95
N LEU A 179 -10.97 -9.09 16.30
CA LEU A 179 -11.71 -10.11 17.04
C LEU A 179 -13.17 -10.21 16.54
N MET A 180 -13.80 -9.05 16.21
CA MET A 180 -15.16 -9.01 15.68
C MET A 180 -15.21 -9.65 14.30
N VAL A 181 -14.19 -9.40 13.45
CA VAL A 181 -14.11 -9.98 12.11
C VAL A 181 -14.10 -11.51 12.22
N TRP A 182 -13.11 -12.08 12.94
CA TRP A 182 -12.95 -13.53 13.14
C TRP A 182 -14.20 -14.21 13.74
N ILE A 183 -14.93 -13.52 14.61
CA ILE A 183 -16.15 -14.01 15.26
C ILE A 183 -17.32 -14.00 14.25
N VAL A 184 -17.57 -12.86 13.60
CA VAL A 184 -18.66 -12.66 12.64
C VAL A 184 -18.44 -13.57 11.41
N SER A 185 -17.23 -13.52 10.81
CA SER A 185 -16.87 -14.33 9.65
C SER A 185 -16.75 -15.81 10.03
N GLY A 186 -16.45 -16.11 11.31
CA GLY A 186 -16.36 -17.48 11.81
C GLY A 186 -17.71 -18.15 11.87
N LEU A 187 -18.75 -17.37 12.18
CA LEU A 187 -20.13 -17.79 12.26
C LEU A 187 -20.69 -18.03 10.85
N THR A 188 -20.44 -17.10 9.91
CA THR A 188 -20.90 -17.21 8.52
C THR A 188 -20.12 -18.28 7.72
N SER A 189 -19.03 -18.82 8.29
CA SER A 189 -18.19 -19.85 7.66
C SER A 189 -18.38 -21.24 8.27
N PHE A 190 -18.72 -21.32 9.58
CA PHE A 190 -18.87 -22.61 10.25
C PHE A 190 -20.34 -23.04 10.36
N LEU A 191 -21.26 -22.13 10.75
CA LEU A 191 -22.70 -22.44 10.89
C LEU A 191 -23.36 -22.92 9.57
N PRO A 192 -23.11 -22.33 8.38
CA PRO A 192 -23.79 -22.83 7.17
C PRO A 192 -23.26 -24.19 6.68
N ILE A 193 -22.08 -24.63 7.17
CA ILE A 193 -21.51 -25.92 6.78
C ILE A 193 -21.82 -26.98 7.87
N GLN A 194 -21.65 -26.62 9.18
CA GLN A 194 -21.91 -27.54 10.30
C GLN A 194 -23.40 -27.89 10.44
N MET A 195 -24.31 -26.93 10.16
CA MET A 195 -25.76 -27.16 10.21
C MET A 195 -26.25 -27.81 8.89
N HIS A 196 -25.31 -28.00 7.93
CA HIS A 196 -25.46 -28.61 6.60
C HIS A 196 -26.48 -27.86 5.73
N TRP A 197 -26.51 -26.53 5.86
CA TRP A 197 -27.38 -25.67 5.07
C TRP A 197 -26.83 -25.54 3.64
N TYR A 198 -25.59 -26.02 3.42
CA TYR A 198 -24.84 -25.98 2.16
C TYR A 198 -25.14 -27.18 1.25
N ARG A 199 -25.60 -28.30 1.85
CA ARG A 199 -25.85 -29.57 1.18
C ARG A 199 -26.89 -29.50 0.05
N ALA A 200 -26.50 -30.04 -1.13
CA ALA A 200 -27.30 -30.12 -2.35
C ALA A 200 -28.26 -31.31 -2.32
N THR A 201 -29.30 -31.27 -3.16
CA THR A 201 -30.34 -32.31 -3.20
C THR A 201 -30.16 -33.35 -4.33
N HIS A 202 -29.18 -33.16 -5.24
CA HIS A 202 -28.98 -34.12 -6.34
C HIS A 202 -28.17 -35.34 -5.85
N GLN A 203 -28.47 -36.52 -6.42
CA GLN A 203 -27.92 -37.83 -6.09
C GLN A 203 -26.39 -37.87 -6.02
N GLU A 204 -25.68 -37.30 -7.02
CA GLU A 204 -24.21 -37.28 -7.10
C GLU A 204 -23.58 -36.67 -5.84
N ALA A 205 -24.23 -35.62 -5.29
CA ALA A 205 -23.79 -34.92 -4.08
C ALA A 205 -24.02 -35.76 -2.82
N ILE A 206 -25.26 -36.31 -2.65
CA ILE A 206 -25.66 -37.14 -1.49
C ILE A 206 -24.77 -38.39 -1.42
N ASN A 207 -24.33 -38.89 -2.59
CA ASN A 207 -23.41 -40.03 -2.71
C ASN A 207 -22.02 -39.64 -2.18
N CYS A 208 -21.58 -38.39 -2.47
CA CYS A 208 -20.28 -37.83 -2.03
C CYS A 208 -20.32 -37.47 -0.55
N TYR A 209 -21.49 -37.06 -0.01
CA TYR A 209 -21.64 -36.75 1.41
C TYR A 209 -21.51 -38.02 2.25
N ALA A 210 -22.27 -39.08 1.87
CA ALA A 210 -22.29 -40.37 2.54
C ALA A 210 -20.94 -41.08 2.47
N GLU A 211 -20.18 -40.87 1.37
CA GLU A 211 -18.86 -41.45 1.18
C GLU A 211 -17.83 -40.72 2.03
N GLU A 212 -17.06 -41.50 2.81
CA GLU A 212 -16.00 -40.99 3.70
C GLU A 212 -14.73 -40.66 2.91
N THR A 213 -14.62 -41.17 1.65
CA THR A 213 -13.47 -40.92 0.79
C THR A 213 -13.78 -39.84 -0.28
N CYS A 214 -14.90 -39.11 -0.11
CA CYS A 214 -15.27 -38.03 -1.02
C CYS A 214 -15.38 -36.73 -0.23
N CYS A 215 -14.65 -35.69 -0.68
CA CYS A 215 -14.65 -34.35 -0.10
C CYS A 215 -14.80 -33.29 -1.21
N ASP A 216 -15.43 -33.69 -2.32
CA ASP A 216 -15.71 -32.79 -3.43
C ASP A 216 -16.80 -31.82 -2.97
N PHE A 217 -16.50 -30.52 -3.00
CA PHE A 217 -17.40 -29.49 -2.50
C PHE A 217 -18.61 -29.28 -3.42
N PHE A 218 -19.71 -29.97 -3.09
CA PHE A 218 -21.00 -29.86 -3.78
C PHE A 218 -21.92 -28.96 -2.97
N THR A 219 -22.63 -28.04 -3.64
CA THR A 219 -23.53 -27.09 -2.97
C THR A 219 -24.82 -26.84 -3.72
N ASN A 220 -25.83 -26.33 -2.99
CA ASN A 220 -27.09 -25.92 -3.58
C ASN A 220 -26.87 -24.53 -4.16
N GLN A 221 -27.74 -24.12 -5.12
CA GLN A 221 -27.63 -22.84 -5.80
C GLN A 221 -27.77 -21.63 -4.85
N ALA A 222 -28.61 -21.76 -3.80
CA ALA A 222 -28.88 -20.72 -2.80
C ALA A 222 -27.62 -20.31 -2.02
N TYR A 223 -26.99 -21.27 -1.31
CA TYR A 223 -25.77 -21.07 -0.51
C TYR A 223 -24.64 -20.51 -1.37
N ALA A 224 -24.43 -21.11 -2.55
CA ALA A 224 -23.39 -20.75 -3.53
C ALA A 224 -23.43 -19.26 -3.89
N ILE A 225 -24.64 -18.65 -3.93
CA ILE A 225 -24.83 -17.22 -4.21
C ILE A 225 -24.70 -16.43 -2.90
N ALA A 226 -25.48 -16.83 -1.87
CA ALA A 226 -25.56 -16.17 -0.55
C ALA A 226 -24.23 -16.05 0.16
N SER A 227 -23.51 -17.17 0.40
CA SER A 227 -22.21 -17.17 1.07
C SER A 227 -21.18 -16.34 0.28
N SER A 228 -21.08 -16.51 -1.05
CA SER A 228 -20.13 -15.81 -1.93
C SER A 228 -20.36 -14.27 -1.98
N ILE A 229 -21.62 -13.82 -1.86
CA ILE A 229 -21.98 -12.40 -1.89
C ILE A 229 -21.60 -11.75 -0.55
N VAL A 230 -22.01 -12.35 0.58
CA VAL A 230 -21.74 -11.84 1.93
C VAL A 230 -20.23 -11.92 2.25
N SER A 231 -19.62 -13.08 1.96
CA SER A 231 -18.21 -13.35 2.25
C SER A 231 -17.23 -12.67 1.32
N PHE A 232 -17.46 -12.68 -0.01
CA PHE A 232 -16.46 -12.14 -0.92
C PHE A 232 -16.79 -10.80 -1.58
N TYR A 233 -17.87 -10.74 -2.39
CA TYR A 233 -18.17 -9.57 -3.21
C TYR A 233 -18.48 -8.29 -2.44
N VAL A 234 -19.37 -8.33 -1.41
CA VAL A 234 -19.75 -7.17 -0.59
C VAL A 234 -18.47 -6.47 -0.04
N PRO A 235 -17.54 -7.14 0.72
CA PRO A 235 -16.32 -6.43 1.17
C PRO A 235 -15.41 -5.97 0.02
N LEU A 236 -15.37 -6.71 -1.12
CA LEU A 236 -14.56 -6.38 -2.29
C LEU A 236 -15.04 -5.09 -2.95
N VAL A 237 -16.34 -5.01 -3.30
CA VAL A 237 -16.95 -3.84 -3.96
C VAL A 237 -16.66 -2.58 -3.11
N ILE A 238 -16.89 -2.66 -1.77
CA ILE A 238 -16.66 -1.59 -0.80
C ILE A 238 -15.17 -1.22 -0.80
N MET A 239 -14.27 -2.22 -0.58
CA MET A 239 -12.81 -2.09 -0.56
C MET A 239 -12.29 -1.31 -1.78
N VAL A 240 -12.65 -1.75 -3.00
CA VAL A 240 -12.26 -1.12 -4.27
C VAL A 240 -12.72 0.34 -4.29
N PHE A 241 -14.03 0.61 -4.05
CA PHE A 241 -14.57 1.97 -4.05
C PHE A 241 -13.93 2.87 -2.98
N VAL A 242 -13.75 2.36 -1.75
CA VAL A 242 -13.19 3.13 -0.62
C VAL A 242 -11.69 3.40 -0.83
N TYR A 243 -10.89 2.39 -1.24
CA TYR A 243 -9.46 2.61 -1.43
C TYR A 243 -9.14 3.38 -2.70
N SER A 244 -10.06 3.41 -3.69
CA SER A 244 -9.84 4.23 -4.87
C SER A 244 -10.00 5.71 -4.47
N ARG A 245 -10.85 5.99 -3.46
CA ARG A 245 -11.06 7.31 -2.89
C ARG A 245 -9.82 7.72 -2.07
N VAL A 246 -9.16 6.74 -1.39
CA VAL A 246 -7.95 6.89 -0.57
C VAL A 246 -6.80 7.39 -1.47
N PHE A 247 -6.66 6.77 -2.66
CA PHE A 247 -5.67 7.13 -3.67
C PHE A 247 -5.98 8.51 -4.26
N GLN A 248 -7.27 8.79 -4.52
CA GLN A 248 -7.78 10.06 -5.08
C GLN A 248 -7.57 11.22 -4.10
N GLU A 249 -7.77 10.98 -2.79
CA GLU A 249 -7.59 11.99 -1.73
C GLU A 249 -6.10 12.29 -1.50
N ALA A 250 -5.25 11.25 -1.53
CA ALA A 250 -3.79 11.37 -1.34
C ALA A 250 -3.18 12.32 -2.38
N LYS A 251 -3.49 12.08 -3.68
CA LYS A 251 -3.02 12.87 -4.81
C LYS A 251 -3.55 14.31 -4.78
N ARG A 252 -4.85 14.48 -4.45
CA ARG A 252 -5.53 15.78 -4.38
C ARG A 252 -5.06 16.64 -3.20
N GLN A 253 -4.88 16.04 -2.00
CA GLN A 253 -4.47 16.74 -0.79
C GLN A 253 -2.95 17.05 -0.76
N LEU A 254 -2.24 16.82 -1.89
CA LEU A 254 -0.82 17.13 -2.01
C LEU A 254 -0.61 18.64 -1.98
N ASN A 255 0.33 19.09 -1.14
CA ASN A 255 0.66 20.50 -0.93
C ASN A 255 2.16 20.76 -1.12
N ILE A 256 2.54 22.06 -1.10
CA ILE A 256 3.91 22.56 -1.27
C ILE A 256 4.86 21.94 -0.22
N PHE A 257 4.39 21.80 1.04
CA PHE A 257 5.17 21.24 2.15
C PHE A 257 5.57 19.79 1.88
N GLU A 258 4.66 19.01 1.27
CA GLU A 258 4.91 17.62 0.89
C GLU A 258 5.80 17.59 -0.36
N MET A 259 5.53 18.51 -1.32
CA MET A 259 6.25 18.69 -2.59
C MET A 259 7.73 19.02 -2.34
N LEU A 260 8.02 19.86 -1.34
CA LEU A 260 9.40 20.22 -1.01
C LEU A 260 10.06 19.11 -0.23
N ARG A 261 9.29 18.37 0.61
CA ARG A 261 9.80 17.23 1.37
C ARG A 261 10.21 16.12 0.40
N ILE A 262 9.51 16.03 -0.76
CA ILE A 262 9.79 15.07 -1.82
C ILE A 262 11.07 15.49 -2.57
N ASP A 263 11.13 16.75 -3.01
CA ASP A 263 12.25 17.28 -3.79
C ASP A 263 13.54 17.42 -3.00
N GLU A 264 13.55 18.24 -1.93
CA GLU A 264 14.72 18.53 -1.11
C GLU A 264 15.11 17.38 -0.17
N GLY A 265 14.12 16.60 0.28
CA GLY A 265 14.33 15.49 1.22
C GLY A 265 14.54 15.96 2.64
N LEU A 266 14.80 15.00 3.56
CA LEU A 266 15.02 15.29 4.98
C LEU A 266 16.25 14.57 5.53
N ARG A 267 17.09 15.34 6.23
CA ARG A 267 18.30 14.89 6.92
C ARG A 267 18.49 15.81 8.13
N LEU A 268 18.64 15.23 9.34
CA LEU A 268 18.79 16.01 10.57
C LEU A 268 20.28 16.32 10.91
N LYS A 269 21.20 15.94 10.01
CA LYS A 269 22.65 16.19 10.11
C LYS A 269 23.09 17.04 8.93
N ILE A 270 24.10 17.92 9.14
CA ILE A 270 24.63 18.82 8.11
C ILE A 270 25.20 17.98 6.95
N TYR A 271 24.80 18.35 5.71
CA TYR A 271 25.23 17.72 4.48
C TYR A 271 25.46 18.78 3.39
N LYS A 272 26.11 18.40 2.28
CA LYS A 272 26.36 19.29 1.16
C LYS A 272 25.46 18.90 0.00
N ASP A 273 24.80 19.90 -0.63
CA ASP A 273 23.90 19.68 -1.77
C ASP A 273 24.72 19.49 -3.07
N THR A 274 24.03 19.43 -4.23
CA THR A 274 24.64 19.29 -5.56
C THR A 274 25.62 20.46 -5.82
N GLU A 275 25.21 21.69 -5.42
CA GLU A 275 25.99 22.92 -5.55
C GLU A 275 27.22 22.91 -4.63
N GLY A 276 27.13 22.15 -3.52
CA GLY A 276 28.22 21.98 -2.57
C GLY A 276 28.16 22.79 -1.29
N TYR A 277 27.08 23.57 -1.10
CA TYR A 277 26.90 24.41 0.09
C TYR A 277 26.25 23.65 1.24
N TYR A 278 26.62 24.00 2.50
CA TYR A 278 26.13 23.40 3.75
C TYR A 278 24.62 23.56 3.87
N THR A 279 23.92 22.43 4.02
CA THR A 279 22.46 22.32 4.09
C THR A 279 22.03 21.34 5.22
N ILE A 280 20.83 21.56 5.79
CA ILE A 280 20.22 20.75 6.85
C ILE A 280 18.68 20.87 6.77
N GLY A 281 17.98 19.84 7.25
CA GLY A 281 16.52 19.77 7.26
C GLY A 281 15.95 19.49 5.88
N ILE A 282 15.03 20.34 5.42
CA ILE A 282 14.42 20.20 4.10
C ILE A 282 14.97 21.33 3.21
N GLY A 283 16.12 21.05 2.60
CA GLY A 283 16.84 21.94 1.70
C GLY A 283 17.16 23.33 2.21
N HIS A 284 17.28 23.50 3.55
CA HIS A 284 17.56 24.80 4.15
C HIS A 284 19.06 25.06 4.14
N LEU A 285 19.49 26.01 3.30
CA LEU A 285 20.89 26.43 3.15
C LEU A 285 21.38 27.15 4.40
N LEU A 286 22.58 26.78 4.86
CA LEU A 286 23.21 27.37 6.04
C LEU A 286 24.15 28.49 5.65
N THR A 287 25.14 28.22 4.76
CA THR A 287 26.13 29.19 4.25
C THR A 287 26.80 28.69 2.95
N LYS A 288 27.35 29.63 2.17
CA LYS A 288 28.08 29.33 0.94
C LYS A 288 29.58 29.11 1.25
N SER A 289 29.97 29.35 2.52
CA SER A 289 31.33 29.21 3.02
C SER A 289 31.72 27.73 3.14
N PRO A 290 32.97 27.36 2.73
CA PRO A 290 33.40 25.97 2.86
C PRO A 290 34.10 25.75 4.21
N SER A 291 33.32 25.87 5.29
CA SER A 291 33.77 25.74 6.67
C SER A 291 32.64 25.15 7.54
N LEU A 292 32.91 23.99 8.19
CA LEU A 292 31.97 23.25 9.04
C LEU A 292 31.55 24.04 10.29
N ASN A 293 32.50 24.76 10.94
CA ASN A 293 32.22 25.56 12.13
C ASN A 293 31.42 26.81 11.76
N ALA A 294 31.62 27.35 10.54
CA ALA A 294 30.86 28.50 10.04
C ALA A 294 29.40 28.09 9.82
N ALA A 295 29.19 26.85 9.33
CA ALA A 295 27.88 26.25 9.11
C ALA A 295 27.21 25.92 10.43
N LYS A 296 28.01 25.51 11.44
CA LYS A 296 27.53 25.19 12.79
C LYS A 296 27.13 26.46 13.54
N SER A 297 27.88 27.57 13.35
CA SER A 297 27.63 28.88 13.98
C SER A 297 26.28 29.47 13.57
N GLU A 298 25.98 29.47 12.25
CA GLU A 298 24.73 30.00 11.72
C GLU A 298 23.53 29.11 12.09
N LEU A 299 23.79 27.84 12.43
CA LEU A 299 22.77 26.87 12.82
C LEU A 299 22.32 27.09 14.27
N ASP A 300 23.29 27.12 15.22
CA ASP A 300 23.06 27.29 16.66
C ASP A 300 22.31 28.59 16.98
N LYS A 301 22.47 29.63 16.14
CA LYS A 301 21.80 30.93 16.29
C LYS A 301 20.35 30.86 15.81
N ALA A 302 20.09 30.09 14.73
CA ALA A 302 18.77 29.91 14.13
C ALA A 302 17.82 29.13 15.05
N ILE A 303 18.30 28.01 15.63
CA ILE A 303 17.53 27.16 16.54
C ILE A 303 17.42 27.84 17.92
N GLY A 304 18.55 28.32 18.44
CA GLY A 304 18.62 28.99 19.73
C GLY A 304 19.06 28.11 20.88
N ARG A 305 19.87 27.07 20.57
CA ARG A 305 20.41 26.12 21.54
C ARG A 305 21.71 25.49 21.02
N ASN A 306 22.36 24.64 21.85
CA ASN A 306 23.60 23.92 21.49
C ASN A 306 23.22 22.62 20.75
N THR A 307 23.10 22.75 19.43
CA THR A 307 22.70 21.69 18.51
C THR A 307 23.82 20.67 18.25
N ASN A 308 25.07 21.15 18.08
CA ASN A 308 26.28 20.38 17.78
C ASN A 308 26.12 19.65 16.41
N GLY A 309 25.43 20.33 15.48
CA GLY A 309 25.16 19.84 14.13
C GLY A 309 23.97 18.90 13.98
N VAL A 310 23.22 18.68 15.08
CA VAL A 310 22.06 17.77 15.08
C VAL A 310 20.79 18.55 15.48
N ILE A 311 19.69 18.35 14.72
CA ILE A 311 18.39 18.97 14.98
C ILE A 311 17.29 17.88 15.08
N THR A 312 16.11 18.24 15.62
CA THR A 312 14.97 17.33 15.78
C THR A 312 13.94 17.57 14.68
N LYS A 313 12.93 16.69 14.59
CA LYS A 313 11.81 16.80 13.63
C LYS A 313 11.05 18.12 13.91
N ASP A 314 10.82 18.42 15.20
CA ASP A 314 10.16 19.63 15.68
C ASP A 314 10.93 20.88 15.23
N GLU A 315 12.28 20.82 15.32
CA GLU A 315 13.20 21.90 14.93
C GLU A 315 13.27 22.06 13.42
N ALA A 316 13.39 20.94 12.67
CA ALA A 316 13.45 20.92 11.20
C ALA A 316 12.17 21.45 10.57
N GLU A 317 11.00 21.13 11.18
CA GLU A 317 9.70 21.59 10.70
C GLU A 317 9.56 23.09 10.91
N LYS A 318 10.04 23.58 12.08
CA LYS A 318 10.01 24.98 12.49
C LYS A 318 10.73 25.86 11.48
N LEU A 319 11.95 25.47 11.05
CA LEU A 319 12.72 26.24 10.06
C LEU A 319 12.12 26.08 8.66
N PHE A 320 11.50 24.92 8.38
CA PHE A 320 10.87 24.65 7.09
C PHE A 320 9.64 25.55 6.89
N ASN A 321 8.79 25.69 7.93
CA ASN A 321 7.59 26.54 7.92
C ASN A 321 7.97 28.01 7.68
N GLN A 322 9.19 28.41 8.11
CA GLN A 322 9.77 29.75 7.94
C GLN A 322 10.19 29.97 6.49
N ASP A 323 11.00 29.04 5.92
CA ASP A 323 11.52 29.07 4.54
C ASP A 323 10.40 29.17 3.51
N VAL A 324 9.35 28.35 3.67
CA VAL A 324 8.17 28.29 2.80
C VAL A 324 7.46 29.66 2.84
N ASP A 325 7.27 30.22 4.05
CA ASP A 325 6.63 31.52 4.29
C ASP A 325 7.48 32.66 3.71
N ALA A 326 8.82 32.51 3.76
CA ALA A 326 9.77 33.48 3.23
C ALA A 326 9.76 33.48 1.70
N ALA A 327 9.55 32.29 1.08
CA ALA A 327 9.51 32.13 -0.37
C ALA A 327 8.33 32.89 -0.97
N VAL A 328 7.13 32.72 -0.38
CA VAL A 328 5.87 33.36 -0.80
C VAL A 328 5.98 34.87 -0.59
N ARG A 329 6.55 35.31 0.56
CA ARG A 329 6.77 36.71 0.90
C ARG A 329 7.72 37.37 -0.13
N GLY A 330 8.72 36.61 -0.58
CA GLY A 330 9.70 37.03 -1.58
C GLY A 330 9.10 37.24 -2.96
N ILE A 331 8.06 36.44 -3.29
CA ILE A 331 7.31 36.49 -4.54
C ILE A 331 6.48 37.77 -4.54
N LEU A 332 5.78 38.06 -3.42
CA LEU A 332 4.93 39.24 -3.23
C LEU A 332 5.76 40.54 -3.25
N ARG A 333 7.02 40.47 -2.79
CA ARG A 333 7.96 41.59 -2.78
C ARG A 333 8.53 41.85 -4.19
N ASN A 334 8.76 40.78 -4.98
CA ASN A 334 9.29 40.87 -6.33
C ASN A 334 8.20 41.30 -7.32
N ALA A 335 8.47 42.34 -8.12
CA ALA A 335 7.56 42.93 -9.10
C ALA A 335 7.40 42.05 -10.35
N LYS A 336 8.47 41.34 -10.77
CA LYS A 336 8.47 40.48 -11.95
C LYS A 336 7.66 39.19 -11.70
N LEU A 337 7.78 38.60 -10.49
CA LEU A 337 7.11 37.35 -10.12
C LEU A 337 5.67 37.57 -9.63
N LYS A 338 5.37 38.74 -9.04
CA LYS A 338 4.04 39.09 -8.49
C LYS A 338 2.86 38.85 -9.46
N PRO A 339 2.86 39.32 -10.75
CA PRO A 339 1.68 39.10 -11.59
C PRO A 339 1.55 37.65 -12.06
N VAL A 340 2.67 36.90 -12.10
CA VAL A 340 2.71 35.49 -12.54
C VAL A 340 2.05 34.59 -11.49
N TYR A 341 2.28 34.87 -10.19
CA TYR A 341 1.71 34.13 -9.05
C TYR A 341 0.17 34.25 -9.01
N ASP A 342 -0.34 35.41 -9.48
CA ASP A 342 -1.76 35.73 -9.54
C ASP A 342 -2.53 34.84 -10.52
N SER A 343 -2.08 34.81 -11.79
CA SER A 343 -2.69 34.07 -12.90
C SER A 343 -2.69 32.54 -12.74
N LEU A 344 -1.67 31.99 -12.07
CA LEU A 344 -1.51 30.56 -11.86
C LEU A 344 -2.57 29.98 -10.92
N ASP A 345 -2.89 28.70 -11.10
CA ASP A 345 -3.81 27.95 -10.26
C ASP A 345 -3.04 27.44 -9.04
N ALA A 346 -3.76 26.99 -7.99
CA ALA A 346 -3.19 26.47 -6.74
C ALA A 346 -2.01 25.51 -6.96
N VAL A 347 -2.11 24.57 -7.93
CA VAL A 347 -1.10 23.56 -8.25
C VAL A 347 0.17 24.22 -8.82
N ARG A 348 0.02 25.08 -9.84
CA ARG A 348 1.12 25.77 -10.51
C ARG A 348 1.72 26.88 -9.65
N ARG A 349 0.95 27.40 -8.66
CA ARG A 349 1.41 28.41 -7.70
C ARG A 349 2.51 27.79 -6.84
N ALA A 350 2.32 26.52 -6.42
CA ALA A 350 3.28 25.73 -5.64
C ALA A 350 4.56 25.49 -6.42
N ALA A 351 4.43 25.24 -7.75
CA ALA A 351 5.57 24.99 -8.66
C ALA A 351 6.49 26.23 -8.76
N LEU A 352 5.91 27.45 -8.72
CA LEU A 352 6.67 28.71 -8.73
C LEU A 352 7.36 28.89 -7.39
N ILE A 353 6.67 28.52 -6.28
CA ILE A 353 7.19 28.58 -4.91
C ILE A 353 8.40 27.65 -4.82
N ASN A 354 8.30 26.45 -5.40
CA ASN A 354 9.34 25.42 -5.44
C ASN A 354 10.66 25.93 -6.06
N MET A 355 10.56 26.72 -7.15
CA MET A 355 11.73 27.29 -7.84
C MET A 355 12.35 28.39 -6.99
N VAL A 356 11.51 29.23 -6.36
CA VAL A 356 11.91 30.32 -5.47
C VAL A 356 12.63 29.72 -4.23
N PHE A 357 12.18 28.55 -3.78
CA PHE A 357 12.74 27.82 -2.64
C PHE A 357 14.17 27.31 -2.93
N GLN A 358 14.39 26.80 -4.15
CA GLN A 358 15.65 26.22 -4.59
C GLN A 358 16.64 27.26 -5.09
N MET A 359 16.20 28.23 -5.93
CA MET A 359 17.08 29.23 -6.50
C MET A 359 17.03 30.58 -5.79
N GLY A 360 15.83 31.07 -5.52
CA GLY A 360 15.62 32.37 -4.89
C GLY A 360 14.96 33.35 -5.83
N GLU A 361 14.14 34.27 -5.26
CA GLU A 361 13.36 35.30 -5.97
C GLU A 361 14.09 35.90 -7.20
N THR A 362 15.36 36.29 -7.01
CA THR A 362 16.21 36.87 -8.04
C THR A 362 16.54 35.88 -9.17
N GLY A 363 16.94 34.65 -8.82
CA GLY A 363 17.30 33.59 -9.75
C GLY A 363 16.18 33.21 -10.70
N VAL A 364 14.96 33.01 -10.14
CA VAL A 364 13.72 32.62 -10.82
C VAL A 364 13.24 33.74 -11.76
N ALA A 365 13.49 35.01 -11.39
CA ALA A 365 13.13 36.20 -12.16
C ALA A 365 13.87 36.26 -13.53
N GLY A 366 15.06 35.66 -13.58
CA GLY A 366 15.90 35.61 -14.78
C GLY A 366 15.31 34.89 -15.98
N PHE A 367 14.34 33.99 -15.73
CA PHE A 367 13.65 33.22 -16.77
C PHE A 367 12.53 34.08 -17.41
N THR A 368 12.77 35.39 -17.63
CA THR A 368 11.84 36.40 -18.18
C THR A 368 10.99 35.83 -19.33
N ASN A 369 11.64 35.17 -20.31
CA ASN A 369 11.03 34.54 -21.49
C ASN A 369 9.99 33.49 -21.06
N SER A 370 10.36 32.60 -20.12
CA SER A 370 9.53 31.50 -19.59
C SER A 370 8.37 32.03 -18.75
N LEU A 371 8.63 33.00 -17.86
CA LEU A 371 7.62 33.61 -17.00
C LEU A 371 6.50 34.25 -17.83
N ARG A 372 6.88 34.95 -18.94
CA ARG A 372 5.95 35.59 -19.87
C ARG A 372 4.98 34.57 -20.45
N MET A 373 5.45 33.34 -20.74
CA MET A 373 4.60 32.28 -21.30
C MET A 373 3.83 31.53 -20.21
N LEU A 374 4.12 31.82 -18.93
CA LEU A 374 3.36 31.19 -17.85
C LEU A 374 2.10 32.01 -17.64
N GLN A 375 2.27 33.35 -17.76
CA GLN A 375 1.23 34.36 -17.68
C GLN A 375 0.26 34.18 -18.87
N GLN A 376 0.83 33.90 -20.07
CA GLN A 376 0.10 33.65 -21.34
C GLN A 376 -0.63 32.30 -21.33
N LYS A 377 -0.39 31.47 -20.30
CA LYS A 377 -0.98 30.14 -20.04
C LYS A 377 -0.62 29.13 -21.14
N ARG A 378 0.54 29.32 -21.81
CA ARG A 378 1.06 28.44 -22.86
C ARG A 378 2.10 27.50 -22.23
N TRP A 379 1.63 26.60 -21.34
CA TRP A 379 2.42 25.67 -20.53
C TRP A 379 3.45 24.87 -21.33
N ASP A 380 3.01 24.14 -22.38
CA ASP A 380 3.89 23.32 -23.25
C ASP A 380 5.02 24.16 -23.84
N GLU A 381 4.72 25.43 -24.21
CA GLU A 381 5.66 26.39 -24.77
C GLU A 381 6.69 26.83 -23.74
N ALA A 382 6.22 27.17 -22.51
CA ALA A 382 7.06 27.63 -21.41
C ALA A 382 8.01 26.53 -20.93
N ALA A 383 7.52 25.26 -20.94
CA ALA A 383 8.24 24.05 -20.51
C ALA A 383 9.54 23.84 -21.28
N VAL A 384 9.53 24.10 -22.61
CA VAL A 384 10.68 23.96 -23.51
C VAL A 384 11.80 24.91 -23.07
N ASN A 385 11.47 26.20 -22.79
CA ASN A 385 12.44 27.20 -22.35
C ASN A 385 12.94 26.90 -20.94
N LEU A 386 12.12 26.23 -20.11
CA LEU A 386 12.48 25.82 -18.76
C LEU A 386 13.47 24.67 -18.84
N ALA A 387 13.28 23.76 -19.82
CA ALA A 387 14.16 22.63 -20.11
C ALA A 387 15.48 23.13 -20.69
N LYS A 388 15.42 24.23 -21.46
CA LYS A 388 16.60 24.87 -22.07
C LYS A 388 17.20 25.85 -21.05
N SER A 389 17.63 25.32 -19.88
CA SER A 389 18.22 26.09 -18.79
C SER A 389 19.27 25.29 -18.00
N ARG A 390 20.15 26.03 -17.28
CA ARG A 390 21.22 25.52 -16.42
C ARG A 390 20.62 24.84 -15.18
N TRP A 391 19.43 25.30 -14.73
CA TRP A 391 18.67 24.76 -13.60
C TRP A 391 18.20 23.34 -13.93
N TYR A 392 17.79 23.14 -15.20
CA TYR A 392 17.36 21.84 -15.71
C TYR A 392 18.55 20.88 -15.71
N ASN A 393 19.73 21.37 -16.09
CA ASN A 393 20.96 20.57 -16.13
C ASN A 393 21.50 20.29 -14.73
N GLN A 394 21.37 21.25 -13.80
CA GLN A 394 21.84 21.13 -12.41
C GLN A 394 21.10 20.01 -11.66
N THR A 395 19.75 20.08 -11.62
CA THR A 395 18.89 19.09 -10.97
C THR A 395 17.84 18.61 -11.97
N PRO A 396 18.18 17.68 -12.90
CA PRO A 396 17.20 17.25 -13.91
C PRO A 396 15.98 16.50 -13.36
N ASN A 397 16.18 15.66 -12.33
CA ASN A 397 15.12 14.87 -11.69
C ASN A 397 14.08 15.80 -11.05
N ARG A 398 14.55 16.81 -10.28
CA ARG A 398 13.70 17.81 -9.61
C ARG A 398 13.07 18.73 -10.64
N ALA A 399 13.83 19.12 -11.68
CA ALA A 399 13.37 20.01 -12.74
C ALA A 399 12.22 19.39 -13.52
N LYS A 400 12.34 18.10 -13.87
CA LYS A 400 11.30 17.35 -14.60
C LYS A 400 9.96 17.43 -13.85
N ARG A 401 9.96 17.06 -12.56
CA ARG A 401 8.79 17.08 -11.66
C ARG A 401 8.12 18.45 -11.62
N VAL A 402 8.91 19.54 -11.49
CA VAL A 402 8.41 20.92 -11.42
C VAL A 402 7.90 21.39 -12.79
N ILE A 403 8.63 21.08 -13.88
CA ILE A 403 8.24 21.45 -15.24
C ILE A 403 6.91 20.74 -15.60
N THR A 404 6.79 19.41 -15.34
CA THR A 404 5.60 18.61 -15.62
C THR A 404 4.38 19.17 -14.85
N THR A 405 4.59 19.64 -13.60
CA THR A 405 3.54 20.24 -12.77
C THR A 405 2.97 21.47 -13.51
N PHE A 406 3.84 22.29 -14.11
CA PHE A 406 3.43 23.46 -14.89
C PHE A 406 2.69 23.03 -16.16
N ARG A 407 3.10 21.91 -16.77
CA ARG A 407 2.50 21.41 -18.00
C ARG A 407 1.10 20.84 -17.78
N THR A 408 0.99 19.93 -16.79
CA THR A 408 -0.23 19.21 -16.46
C THR A 408 -1.21 20.00 -15.59
N GLY A 409 -0.69 20.74 -14.62
CA GLY A 409 -1.51 21.48 -13.68
C GLY A 409 -2.09 20.55 -12.62
N THR A 410 -1.49 19.35 -12.49
CA THR A 410 -1.83 18.27 -11.56
C THR A 410 -0.58 17.77 -10.83
N TRP A 411 -0.78 17.05 -9.71
CA TRP A 411 0.29 16.48 -8.89
C TRP A 411 0.78 15.11 -9.44
N ASP A 412 0.41 14.77 -10.70
CA ASP A 412 0.73 13.52 -11.40
C ASP A 412 2.23 13.18 -11.40
N ALA A 413 3.10 14.21 -11.35
CA ALA A 413 4.55 14.04 -11.31
C ALA A 413 5.01 13.56 -9.94
N TYR A 414 4.28 13.97 -8.88
CA TYR A 414 4.56 13.65 -7.48
C TYR A 414 3.68 12.49 -6.99
N LYS A 415 3.26 11.61 -7.93
CA LYS A 415 2.46 10.41 -7.66
C LYS A 415 3.30 9.38 -6.90
N PHE A 416 2.86 9.04 -5.67
CA PHE A 416 3.49 8.05 -4.75
C PHE A 416 4.98 8.34 -4.51
N CYS A 417 5.39 9.61 -4.62
CA CYS A 417 6.78 10.00 -4.42
C CYS A 417 7.10 10.13 -2.93
N LEU A 418 6.07 10.43 -2.10
CA LEU A 418 6.16 10.57 -0.66
C LEU A 418 6.26 9.19 0.01
N LYS A 419 6.96 9.11 1.17
CA LYS A 419 7.13 7.86 1.94
C LYS A 419 5.80 7.37 2.47
N GLU A 420 4.95 8.31 2.94
CA GLU A 420 3.60 8.07 3.46
C GLU A 420 2.67 7.61 2.33
N HIS A 421 2.90 8.12 1.10
CA HIS A 421 2.17 7.79 -0.12
C HIS A 421 2.58 6.43 -0.69
N LYS A 422 3.84 5.99 -0.43
CA LYS A 422 4.35 4.69 -0.87
C LYS A 422 3.72 3.58 -0.05
N ALA A 423 3.41 3.86 1.23
CA ALA A 423 2.76 2.96 2.19
C ALA A 423 1.35 2.60 1.69
N LEU A 424 0.65 3.60 1.12
CA LEU A 424 -0.69 3.45 0.56
C LEU A 424 -0.65 2.60 -0.71
N LYS A 425 0.38 2.81 -1.54
CA LYS A 425 0.62 2.07 -2.79
C LYS A 425 0.83 0.59 -2.48
N THR A 426 1.64 0.28 -1.46
CA THR A 426 1.94 -1.09 -1.04
C THR A 426 0.64 -1.79 -0.61
N LEU A 427 -0.20 -1.11 0.20
CA LEU A 427 -1.49 -1.65 0.67
C LEU A 427 -2.45 -1.88 -0.50
N GLY A 428 -2.38 -1.01 -1.50
CA GLY A 428 -3.17 -1.10 -2.72
C GLY A 428 -2.75 -2.26 -3.60
N ILE A 429 -1.46 -2.64 -3.52
CA ILE A 429 -0.88 -3.77 -4.24
C ILE A 429 -1.40 -5.09 -3.61
N ILE A 430 -1.52 -5.12 -2.26
CA ILE A 430 -2.02 -6.29 -1.51
C ILE A 430 -3.49 -6.58 -1.88
N MET A 431 -4.34 -5.55 -1.85
CA MET A 431 -5.77 -5.61 -2.18
C MET A 431 -6.00 -6.01 -3.64
N GLY A 432 -5.23 -5.40 -4.54
CA GLY A 432 -5.28 -5.63 -5.97
C GLY A 432 -4.85 -7.03 -6.36
N THR A 433 -3.83 -7.58 -5.66
CA THR A 433 -3.33 -8.92 -5.98
C THR A 433 -4.36 -9.98 -5.48
N PHE A 434 -4.97 -9.76 -4.28
CA PHE A 434 -5.98 -10.63 -3.68
C PHE A 434 -7.15 -10.79 -4.66
N THR A 435 -7.56 -9.66 -5.29
CA THR A 435 -8.62 -9.56 -6.29
C THR A 435 -8.27 -10.44 -7.49
N LEU A 436 -7.06 -10.24 -8.07
CA LEU A 436 -6.57 -10.99 -9.23
C LEU A 436 -6.41 -12.48 -8.94
N CYS A 437 -6.18 -12.85 -7.67
CA CYS A 437 -5.99 -14.24 -7.27
C CYS A 437 -7.33 -14.94 -6.97
N TRP A 438 -8.32 -14.22 -6.39
CA TRP A 438 -9.58 -14.81 -5.96
C TRP A 438 -10.77 -14.58 -6.89
N LEU A 439 -10.92 -13.36 -7.48
CA LEU A 439 -12.03 -13.00 -8.37
C LEU A 439 -12.22 -14.01 -9.55
N PRO A 440 -11.17 -14.54 -10.25
CA PRO A 440 -11.43 -15.51 -11.33
C PRO A 440 -12.18 -16.75 -10.85
N PHE A 441 -11.76 -17.31 -9.68
CA PHE A 441 -12.39 -18.47 -9.06
C PHE A 441 -13.84 -18.15 -8.69
N PHE A 442 -14.07 -16.99 -8.04
CA PHE A 442 -15.39 -16.54 -7.59
C PHE A 442 -16.35 -16.25 -8.74
N ILE A 443 -15.84 -15.75 -9.89
CA ILE A 443 -16.65 -15.47 -11.09
C ILE A 443 -17.14 -16.82 -11.67
N VAL A 444 -16.21 -17.78 -11.84
CA VAL A 444 -16.48 -19.13 -12.36
C VAL A 444 -17.38 -19.90 -11.37
N ASN A 445 -17.20 -19.68 -10.05
CA ASN A 445 -18.01 -20.31 -9.01
C ASN A 445 -19.48 -19.89 -9.13
N ILE A 446 -19.74 -18.61 -9.44
CA ILE A 446 -21.10 -18.08 -9.57
C ILE A 446 -21.66 -18.36 -11.00
N VAL A 447 -20.76 -18.61 -11.98
CA VAL A 447 -21.12 -18.98 -13.36
C VAL A 447 -21.67 -20.43 -13.31
N HIS A 448 -21.07 -21.28 -12.44
CA HIS A 448 -21.45 -22.68 -12.20
C HIS A 448 -22.88 -22.78 -11.62
N VAL A 449 -23.30 -21.76 -10.85
CA VAL A 449 -24.62 -21.68 -10.21
C VAL A 449 -25.71 -21.47 -11.29
N ILE A 450 -25.48 -20.53 -12.22
CA ILE A 450 -26.40 -20.19 -13.31
C ILE A 450 -26.48 -21.38 -14.28
N GLN A 451 -25.33 -21.85 -14.81
CA GLN A 451 -25.29 -23.00 -15.71
C GLN A 451 -24.30 -24.03 -15.18
N ASP A 452 -24.83 -25.22 -14.84
CA ASP A 452 -24.12 -26.38 -14.26
C ASP A 452 -22.93 -26.84 -15.11
N ASN A 453 -23.17 -27.11 -16.41
CA ASN A 453 -22.16 -27.60 -17.35
C ASN A 453 -21.52 -26.42 -18.13
N LEU A 454 -20.82 -25.55 -17.39
CA LEU A 454 -20.12 -24.41 -17.98
C LEU A 454 -18.61 -24.63 -17.93
N ILE A 455 -18.10 -25.16 -16.80
CA ILE A 455 -16.67 -25.43 -16.56
C ILE A 455 -16.47 -26.86 -16.00
N ARG A 456 -15.27 -27.43 -16.23
CA ARG A 456 -14.88 -28.75 -15.75
C ARG A 456 -14.41 -28.69 -14.28
N LYS A 457 -14.33 -29.86 -13.61
CA LYS A 457 -13.91 -29.97 -12.21
C LYS A 457 -12.45 -29.55 -12.00
N GLU A 458 -11.59 -29.84 -12.99
CA GLU A 458 -10.16 -29.49 -12.99
C GLU A 458 -9.94 -27.98 -13.08
N VAL A 459 -10.88 -27.23 -13.69
CA VAL A 459 -10.82 -25.78 -13.85
C VAL A 459 -11.12 -25.10 -12.49
N TYR A 460 -12.08 -25.66 -11.72
CA TYR A 460 -12.50 -25.15 -10.42
C TYR A 460 -11.37 -25.20 -9.39
N ILE A 461 -10.68 -26.36 -9.28
CA ILE A 461 -9.58 -26.59 -8.34
C ILE A 461 -8.37 -25.70 -8.73
N LEU A 462 -8.05 -25.63 -10.05
CA LEU A 462 -6.94 -24.81 -10.57
C LEU A 462 -7.14 -23.33 -10.18
N LEU A 463 -8.35 -22.79 -10.40
CA LEU A 463 -8.68 -21.41 -10.06
C LEU A 463 -8.71 -21.18 -8.55
N ASN A 464 -9.06 -22.23 -7.77
CA ASN A 464 -9.07 -22.18 -6.30
C ASN A 464 -7.63 -22.06 -5.81
N TRP A 465 -6.70 -22.74 -6.51
CA TRP A 465 -5.28 -22.75 -6.20
C TRP A 465 -4.61 -21.43 -6.57
N ILE A 466 -5.18 -20.67 -7.53
CA ILE A 466 -4.68 -19.34 -7.90
C ILE A 466 -4.82 -18.43 -6.66
N GLY A 467 -5.92 -18.63 -5.93
CA GLY A 467 -6.20 -17.96 -4.68
C GLY A 467 -5.33 -18.47 -3.54
N TYR A 468 -4.92 -19.75 -3.60
CA TYR A 468 -4.06 -20.35 -2.58
C TYR A 468 -2.64 -19.76 -2.60
N VAL A 469 -2.08 -19.52 -3.82
CA VAL A 469 -0.73 -18.96 -4.01
C VAL A 469 -0.64 -17.55 -3.37
N ASN A 470 -1.77 -16.81 -3.33
CA ASN A 470 -1.91 -15.46 -2.75
C ASN A 470 -1.43 -15.40 -1.28
N SER A 471 -1.59 -16.51 -0.54
CA SER A 471 -1.17 -16.63 0.87
C SER A 471 0.38 -16.67 1.00
N GLY A 472 1.07 -16.67 -0.14
CA GLY A 472 2.52 -16.65 -0.22
C GLY A 472 3.08 -15.40 -0.87
N PHE A 473 2.19 -14.54 -1.40
CA PHE A 473 2.57 -13.31 -2.09
C PHE A 473 2.73 -12.13 -1.13
N ASN A 474 1.78 -11.96 -0.17
CA ASN A 474 1.76 -10.86 0.81
C ASN A 474 3.11 -10.63 1.52
N PRO A 475 3.86 -11.65 2.03
CA PRO A 475 5.16 -11.36 2.69
C PRO A 475 6.19 -10.73 1.76
N LEU A 476 6.20 -11.14 0.48
CA LEU A 476 7.10 -10.61 -0.55
C LEU A 476 6.76 -9.15 -0.92
N ILE A 477 5.48 -8.76 -0.77
CA ILE A 477 5.01 -7.41 -1.06
C ILE A 477 5.41 -6.48 0.11
N TYR A 478 5.58 -7.03 1.33
CA TYR A 478 6.00 -6.23 2.48
C TYR A 478 7.49 -5.79 2.36
N CYS A 479 8.21 -6.32 1.35
CA CYS A 479 9.60 -5.96 1.06
C CYS A 479 9.68 -4.52 0.54
N ARG A 480 8.52 -3.96 0.12
CA ARG A 480 8.42 -2.58 -0.34
C ARG A 480 8.59 -1.63 0.85
N SER A 481 8.02 -1.99 2.02
CA SER A 481 8.15 -1.22 3.25
C SER A 481 9.56 -1.37 3.80
N PRO A 482 10.35 -0.26 3.90
CA PRO A 482 11.72 -0.37 4.41
C PRO A 482 11.78 -0.79 5.88
N ASP A 483 10.71 -0.50 6.65
CA ASP A 483 10.58 -0.88 8.05
C ASP A 483 10.56 -2.41 8.18
N PHE A 484 9.83 -3.10 7.27
CA PHE A 484 9.74 -4.55 7.23
C PHE A 484 11.05 -5.15 6.72
N ARG A 485 11.66 -4.51 5.70
CA ARG A 485 12.92 -4.91 5.07
C ARG A 485 14.02 -5.11 6.11
N ILE A 486 14.19 -4.12 7.00
CA ILE A 486 15.17 -4.09 8.07
C ILE A 486 14.83 -5.17 9.12
N ALA A 487 13.53 -5.36 9.41
CA ALA A 487 13.05 -6.35 10.38
C ALA A 487 13.38 -7.76 9.91
N PHE A 488 13.02 -8.08 8.64
CA PHE A 488 13.22 -9.36 7.99
C PHE A 488 14.68 -9.82 8.05
N GLN A 489 15.60 -8.99 7.50
CA GLN A 489 17.03 -9.28 7.45
C GLN A 489 17.65 -9.46 8.86
N GLU A 490 17.07 -8.79 9.89
CA GLU A 490 17.51 -8.89 11.28
C GLU A 490 17.15 -10.27 11.84
N LEU A 491 15.93 -10.76 11.50
CA LEU A 491 15.45 -12.07 11.93
C LEU A 491 16.14 -13.19 11.17
N LEU A 492 16.55 -12.91 9.92
CA LEU A 492 17.24 -13.88 9.07
C LEU A 492 18.77 -13.80 9.23
N CYS A 493 19.29 -12.77 9.95
CA CYS A 493 20.72 -12.50 10.25
C CYS A 493 21.55 -12.44 8.95
N LEU A 494 21.36 -11.36 8.19
CA LEU A 494 22.03 -11.14 6.90
C LEU A 494 22.94 -9.89 6.92
C5 TIM B . -16.50 -20.17 -2.55
C6 TIM B . -17.03 -21.57 -2.80
O1 TIM B . -18.47 -21.59 -2.74
C2 TIM B . -18.98 -21.14 -1.46
C3 TIM B . -18.52 -19.74 -1.12
N4 TIM B . -17.07 -19.59 -1.32
C7 TIM B . -16.30 -18.86 -0.42
N8 TIM B . -16.70 -17.67 0.05
S9 TIM B . -15.48 -17.15 1.08
N10 TIM B . -14.42 -18.41 0.96
C11 TIM B . -15.00 -19.26 0.10
O12 TIM B . -14.31 -20.40 -0.18
C13 TIM B . -13.09 -20.17 -0.91
C14 TIM B . -12.47 -21.46 -1.43
O15 TIM B . -11.06 -21.40 -1.18
C16 TIM B . -13.06 -22.77 -0.86
N17 TIM B . -12.25 -23.95 -1.26
C18 TIM B . -12.84 -25.33 -1.34
C19 TIM B . -13.36 -25.79 -0.01
C20 TIM B . -13.98 -25.34 -2.37
C21 TIM B . -11.83 -26.40 -1.77
S SO4 C . -1.06 3.80 11.77
O1 SO4 C . -1.72 5.01 11.35
O2 SO4 C . -0.74 3.86 13.21
O3 SO4 C . 0.17 3.62 11.00
O4 SO4 C . -1.94 2.67 11.51
S SO4 D . 15.71 30.93 -20.01
O1 SO4 D . 16.57 29.96 -19.32
O2 SO4 D . 15.91 32.25 -19.42
O3 SO4 D . 14.31 30.55 -19.88
O4 SO4 D . 16.07 30.95 -21.43
S SO4 E . 18.73 15.73 -8.84
O2 SO4 E . 19.24 16.43 -7.65
O3 SO4 E . 17.51 16.39 -9.30
O4 SO4 E . 18.45 14.34 -8.49
C1 CLR F . -3.76 -10.03 19.05
C2 CLR F . -2.91 -8.78 19.33
C3 CLR F . -2.03 -8.37 18.15
C4 CLR F . -2.89 -8.12 16.91
C5 CLR F . -3.80 -9.29 16.63
C6 CLR F . -3.90 -9.67 15.33
C7 CLR F . -4.13 -11.12 14.95
C8 CLR F . -5.22 -11.71 15.85
C9 CLR F . -4.83 -11.51 17.33
C10 CLR F . -4.60 -10.02 17.74
C11 CLR F . -5.83 -12.27 18.26
C12 CLR F . -6.10 -13.73 17.86
C13 CLR F . -6.53 -13.93 16.40
C14 CLR F . -5.47 -13.21 15.56
C15 CLR F . -5.76 -13.63 14.13
C16 CLR F . -6.08 -15.11 14.30
C17 CLR F . -6.31 -15.36 15.81
C18 CLR F . -7.98 -13.42 16.22
C19 CLR F . -5.90 -9.23 17.96
C20 CLR F . -7.33 -16.49 16.10
C21 CLR F . -7.34 -16.93 17.57
C22 CLR F . -7.07 -17.74 15.25
C23 CLR F . -8.34 -18.43 14.74
C24 CLR F . -8.30 -19.93 15.02
C25 CLR F . -9.31 -20.68 14.17
C26 CLR F . -8.62 -21.54 13.12
C27 CLR F . -10.24 -21.52 15.05
O1 CLR F . -1.32 -7.17 18.47
C10 OLC G . 2.57 -18.94 15.66
C9 OLC G . 3.19 -17.92 16.25
C11 OLC G . 3.16 -19.79 14.55
C8 OLC G . 4.60 -17.43 15.93
C24 OLC G . 9.85 -9.61 22.69
C7 OLC G . 4.73 -15.94 16.27
C6 OLC G . 5.35 -15.67 17.64
C5 OLC G . 4.27 -15.46 18.71
C4 OLC G . 4.46 -14.16 19.49
C3 OLC G . 5.31 -14.38 20.74
C2 OLC G . 6.00 -13.10 21.21
C21 OLC G . 9.16 -11.66 21.44
C1 OLC G . 7.25 -12.72 20.42
C22 OLC G . 9.83 -10.29 21.32
O19 OLC G . 7.66 -13.37 19.48
O25 OLC G . 9.33 -8.27 22.58
O23 OLC G . 11.17 -10.44 20.81
O20 OLC G . 7.91 -11.61 20.76
C9 OLC H . -1.55 -20.91 15.16
C8 OLC H . -1.57 -19.48 14.66
C24 OLC H . 1.87 -7.96 19.02
C7 OLC H . -0.99 -18.56 15.74
C6 OLC H . -1.61 -17.17 15.70
C5 OLC H . -1.11 -16.32 16.87
C4 OLC H . -0.35 -15.10 16.39
C3 OLC H . -1.01 -13.81 16.88
C2 OLC H . -0.17 -13.15 17.97
C21 OLC H . 1.91 -10.47 18.84
C1 OLC H . 0.58 -11.93 17.45
C22 OLC H . 1.79 -9.27 19.79
O19 OLC H . 1.11 -11.94 16.35
O25 OLC H . 1.90 -6.86 19.95
O23 OLC H . 0.58 -9.32 20.56
O20 OLC H . 0.68 -10.82 18.20
C1 OLA I . -7.85 1.98 -8.36
O1 OLA I . -8.03 3.22 -8.23
O2 OLA I . -7.11 1.57 -9.29
C2 OLA I . -8.51 1.00 -7.40
C3 OLA I . -7.49 0.39 -6.45
C4 OLA I . -8.15 -0.67 -5.56
C5 OLA I . -7.54 -2.04 -5.81
C6 OLA I . -8.61 -3.03 -6.27
C7 OLA I . -8.23 -3.75 -7.55
C8 OLA I . -9.45 -4.02 -8.42
#